data_5YI7
#
_entry.id   5YI7
#
_cell.length_a   65.593
_cell.length_b   65.593
_cell.length_c   143.879
_cell.angle_alpha   90.000
_cell.angle_beta   90.000
_cell.angle_gamma   120.000
#
_symmetry.space_group_name_H-M   'P 31 1 2'
#
loop_
_entity.id
_entity.type
_entity.pdbx_description
1 polymer 'Protein numb'
2 polymer 'Pon peptide from Partner of numb'
3 non-polymer GLYCEROL
4 water water
#
loop_
_entity_poly.entity_id
_entity_poly.type
_entity_poly.pdbx_seq_one_letter_code
_entity_poly.pdbx_strand_id
1 'polypeptide(L)'
;GSKPHQWQADEEAVRSATCSFSVKYLGCVEVFESRGMQVCEEALKVLRQSRRRPVRGLLHVSGDGLRVVDDETKGLIVDQ
TIEKVSFCAPDRNHERGFSYICRDGTTRRWMCHGFLACKDSGERLSHAVGCAFAVCLERKQ
;
A,C
2 'polypeptide(L)' QQKLPTNPFEVLRQPPKKKKREHACFENPGLNLE B,D
#
loop_
_chem_comp.id
_chem_comp.type
_chem_comp.name
_chem_comp.formula
GOL non-polymer GLYCEROL 'C3 H8 O3'
#
# COMPACT_ATOMS: atom_id res chain seq x y z
N ASP A 10 19.12 -11.51 -6.24
CA ASP A 10 18.86 -10.54 -5.17
C ASP A 10 20.10 -10.21 -4.38
N GLU A 11 21.09 -11.12 -4.32
CA GLU A 11 22.32 -10.80 -3.60
C GLU A 11 23.02 -9.57 -4.18
N GLU A 12 23.18 -9.53 -5.51
CA GLU A 12 23.84 -8.35 -6.07
C GLU A 12 23.01 -7.11 -5.82
N ALA A 13 21.67 -7.24 -5.85
CA ALA A 13 20.81 -6.09 -5.59
C ALA A 13 20.98 -5.59 -4.17
N VAL A 14 21.10 -6.52 -3.20
CA VAL A 14 21.32 -6.05 -1.84
C VAL A 14 22.66 -5.35 -1.73
N ARG A 15 23.70 -5.90 -2.35
CA ARG A 15 25.02 -5.28 -2.27
C ARG A 15 25.02 -3.91 -2.91
N SER A 16 24.26 -3.74 -3.99
CA SER A 16 24.22 -2.50 -4.77
C SER A 16 23.18 -1.51 -4.30
N ALA A 17 22.40 -1.86 -3.28
CA ALA A 17 21.31 -1.03 -2.79
C ALA A 17 20.28 -0.75 -3.89
N THR A 18 19.88 -1.81 -4.61
CA THR A 18 18.74 -1.77 -5.53
C THR A 18 17.69 -2.83 -5.20
N CYS A 19 17.68 -3.33 -3.95
CA CYS A 19 16.77 -4.40 -3.54
C CYS A 19 15.64 -3.81 -2.71
N SER A 20 14.42 -3.88 -3.24
CA SER A 20 13.27 -3.36 -2.51
C SER A 20 12.07 -4.23 -2.82
N PHE A 21 11.18 -4.35 -1.84
CA PHE A 21 9.98 -5.18 -1.95
C PHE A 21 8.78 -4.36 -1.55
N SER A 22 7.70 -4.50 -2.31
CA SER A 22 6.46 -3.86 -1.93
C SER A 22 5.83 -4.67 -0.80
N VAL A 23 5.52 -4.01 0.31
CA VAL A 23 5.05 -4.72 1.51
C VAL A 23 3.87 -4.00 2.13
N LYS A 24 3.13 -4.72 2.97
CA LYS A 24 2.29 -4.10 3.97
C LYS A 24 3.02 -4.29 5.29
N TYR A 25 3.30 -3.19 5.98
CA TYR A 25 3.99 -3.25 7.25
C TYR A 25 2.96 -3.40 8.35
N LEU A 26 3.10 -4.46 9.15
CA LEU A 26 2.11 -4.76 10.16
C LEU A 26 2.41 -4.12 11.50
N GLY A 27 3.59 -3.53 11.69
CA GLY A 27 3.95 -2.97 12.97
C GLY A 27 4.92 -3.88 13.68
N CYS A 28 5.13 -3.62 14.98
CA CYS A 28 6.05 -4.44 15.77
C CYS A 28 5.46 -4.74 17.13
N VAL A 29 6.03 -5.78 17.77
CA VAL A 29 5.57 -6.20 19.08
C VAL A 29 6.76 -6.79 19.84
N GLU A 30 6.82 -6.52 21.13
CA GLU A 30 7.89 -7.08 21.95
C GLU A 30 7.83 -8.59 21.98
N VAL A 31 9.01 -9.21 21.87
CA VAL A 31 9.17 -10.65 22.08
C VAL A 31 10.26 -10.89 23.11
N PHE A 32 10.30 -12.12 23.64
CA PHE A 32 11.21 -12.44 24.74
C PHE A 32 12.29 -13.45 24.34
N GLU A 33 12.45 -13.70 23.06
CA GLU A 33 13.55 -14.51 22.56
C GLU A 33 14.11 -13.75 21.36
N SER A 34 15.39 -13.92 21.10
CA SER A 34 15.99 -13.19 19.98
C SER A 34 15.92 -13.94 18.65
N ARG A 35 15.45 -15.18 18.63
CA ARG A 35 15.35 -15.92 17.37
C ARG A 35 14.21 -16.95 17.48
N GLY A 36 13.80 -17.47 16.32
CA GLY A 36 12.95 -18.65 16.30
C GLY A 36 11.71 -18.46 15.45
N MET A 37 11.38 -19.43 14.58
CA MET A 37 10.21 -19.25 13.72
C MET A 37 8.91 -19.26 14.49
N GLN A 38 8.82 -20.06 15.56
CA GLN A 38 7.58 -20.03 16.33
C GLN A 38 7.45 -18.70 17.05
N VAL A 39 8.58 -18.15 17.49
CA VAL A 39 8.53 -16.85 18.15
C VAL A 39 7.98 -15.80 17.21
N CYS A 40 8.47 -15.81 15.97
CA CYS A 40 8.03 -14.84 14.96
C CYS A 40 6.56 -15.06 14.61
N GLU A 41 6.15 -16.32 14.47
CA GLU A 41 4.77 -16.59 14.10
C GLU A 41 3.80 -16.18 15.20
N GLU A 42 4.17 -16.40 16.48
CA GLU A 42 3.29 -15.93 17.55
C GLU A 42 3.20 -14.40 17.55
N ALA A 43 4.32 -13.72 17.28
CA ALA A 43 4.30 -12.27 17.17
C ALA A 43 3.43 -11.82 16.01
N LEU A 44 3.52 -12.51 14.88
CA LEU A 44 2.71 -12.12 13.74
C LEU A 44 1.24 -12.28 14.06
N LYS A 45 0.89 -13.29 14.86
CA LYS A 45 -0.50 -13.47 15.23
C LYS A 45 -0.99 -12.28 16.02
N VAL A 46 -0.14 -11.77 16.91
CA VAL A 46 -0.54 -10.61 17.71
C VAL A 46 -0.71 -9.40 16.83
N LEU A 47 0.24 -9.17 15.91
CA LEU A 47 0.16 -8.06 14.96
C LEU A 47 -1.12 -8.13 14.13
N ARG A 48 -1.48 -9.33 13.64
CA ARG A 48 -2.66 -9.46 12.79
C ARG A 48 -3.94 -9.24 13.57
N GLN A 49 -3.93 -9.55 14.87
CA GLN A 49 -5.13 -9.36 15.68
C GLN A 49 -5.33 -7.91 16.11
N SER A 50 -4.32 -7.08 15.93
CA SER A 50 -4.46 -5.66 16.16
C SER A 50 -5.35 -5.03 15.09
N ARG A 53 -4.52 -1.70 11.02
CA ARG A 53 -4.52 -1.49 9.57
C ARG A 53 -3.10 -1.35 9.02
N PRO A 54 -2.70 -2.28 8.17
CA PRO A 54 -1.31 -2.32 7.71
C PRO A 54 -1.02 -1.17 6.77
N VAL A 55 0.23 -0.71 6.80
CA VAL A 55 0.66 0.45 6.03
C VAL A 55 1.39 -0.05 4.80
N ARG A 56 0.94 0.36 3.62
CA ARG A 56 1.62 -0.10 2.41
C ARG A 56 2.85 0.72 2.13
N GLY A 57 3.92 0.05 1.73
CA GLY A 57 5.15 0.77 1.50
C GLY A 57 6.17 -0.10 0.81
N LEU A 58 7.40 0.39 0.84
CA LEU A 58 8.50 -0.25 0.17
C LEU A 58 9.53 -0.59 1.23
N LEU A 59 9.93 -1.87 1.29
CA LEU A 59 10.98 -2.36 2.17
C LEU A 59 12.28 -2.42 1.39
N HIS A 60 13.25 -1.55 1.75
CA HIS A 60 14.54 -1.49 1.09
C HIS A 60 15.49 -2.35 1.91
N VAL A 61 16.22 -3.26 1.25
CA VAL A 61 17.12 -4.17 1.96
C VAL A 61 18.53 -3.93 1.45
N SER A 62 19.44 -3.50 2.33
CA SER A 62 20.82 -3.29 1.93
C SER A 62 21.73 -3.52 3.13
N GLY A 63 23.03 -3.46 2.89
CA GLY A 63 23.96 -3.55 4.02
C GLY A 63 23.83 -2.40 5.00
N ASP A 64 23.20 -1.31 4.57
CA ASP A 64 23.00 -0.09 5.38
C ASP A 64 21.79 -0.17 6.31
N GLY A 65 20.86 -1.09 6.08
CA GLY A 65 19.71 -1.21 6.94
C GLY A 65 18.52 -1.78 6.19
N LEU A 66 17.46 -2.00 6.96
CA LEU A 66 16.14 -2.30 6.44
C LEU A 66 15.35 -1.02 6.64
N ARG A 67 14.95 -0.40 5.53
CA ARG A 67 14.24 0.88 5.57
C ARG A 67 12.85 0.63 5.00
N VAL A 68 11.81 1.10 5.70
CA VAL A 68 10.46 1.02 5.15
C VAL A 68 9.98 2.43 4.90
N VAL A 69 9.56 2.70 3.67
CA VAL A 69 9.05 4.01 3.27
C VAL A 69 7.58 3.86 2.93
N ASP A 70 6.74 4.66 3.58
CA ASP A 70 5.29 4.63 3.41
C ASP A 70 4.91 5.13 2.01
N ASP A 71 4.10 4.35 1.26
CA ASP A 71 3.73 4.79 -0.10
C ASP A 71 3.03 6.14 -0.08
N GLU A 72 2.12 6.34 0.88
CA GLU A 72 1.23 7.50 0.79
C GLU A 72 1.93 8.79 1.22
N THR A 73 2.74 8.75 2.29
CA THR A 73 3.43 9.95 2.75
C THR A 73 4.86 10.07 2.26
N LYS A 74 5.42 9.00 1.69
CA LYS A 74 6.81 8.90 1.28
C LYS A 74 7.77 9.09 2.44
N GLY A 75 7.29 8.86 3.66
CA GLY A 75 8.11 9.01 4.84
C GLY A 75 8.76 7.72 5.28
N LEU A 76 9.91 7.87 5.93
CA LEU A 76 10.68 6.73 6.42
C LEU A 76 10.10 6.28 7.76
N ILE A 77 9.41 5.15 7.78
CA ILE A 77 8.76 4.73 9.01
C ILE A 77 9.50 3.64 9.77
N VAL A 78 10.41 2.93 9.12
CA VAL A 78 11.28 1.97 9.78
C VAL A 78 12.68 2.26 9.25
N ASP A 79 13.65 2.34 10.15
CA ASP A 79 15.04 2.54 9.73
C ASP A 79 15.88 1.69 10.68
N GLN A 80 16.15 0.47 10.28
CA GLN A 80 16.70 -0.55 11.15
C GLN A 80 18.14 -0.87 10.74
N THR A 81 19.11 -0.68 11.64
CA THR A 81 20.47 -1.09 11.27
C THR A 81 20.57 -2.61 11.23
N ILE A 82 21.40 -3.10 10.32
CA ILE A 82 21.50 -4.56 10.18
C ILE A 82 22.13 -5.15 11.42
N GLU A 83 23.07 -4.43 12.03
CA GLU A 83 23.82 -4.97 13.16
C GLU A 83 22.92 -5.30 14.34
N LYS A 84 21.73 -4.71 14.41
CA LYS A 84 20.85 -4.98 15.53
C LYS A 84 19.72 -5.92 15.16
N VAL A 85 19.72 -6.46 13.95
CA VAL A 85 18.73 -7.49 13.58
C VAL A 85 19.31 -8.86 13.92
N SER A 86 18.58 -9.66 14.71
CA SER A 86 19.14 -10.94 15.14
C SER A 86 18.72 -12.13 14.29
N PHE A 87 17.54 -12.07 13.68
CA PHE A 87 16.91 -13.25 13.11
C PHE A 87 15.85 -12.78 12.12
N CYS A 88 15.66 -13.54 11.04
CA CYS A 88 14.51 -13.24 10.17
C CYS A 88 13.99 -14.55 9.57
N ALA A 89 12.70 -14.56 9.19
CA ALA A 89 12.07 -15.81 8.77
C ALA A 89 10.82 -15.54 7.96
N PRO A 90 10.53 -16.39 6.99
CA PRO A 90 9.19 -16.44 6.40
C PRO A 90 8.21 -17.05 7.39
N ASP A 91 6.94 -16.73 7.21
CA ASP A 91 5.89 -17.31 8.05
C ASP A 91 5.55 -18.68 7.49
N ARG A 92 5.71 -19.76 8.29
CA ARG A 92 5.49 -21.10 7.74
C ARG A 92 4.03 -21.34 7.40
N ASN A 93 3.13 -20.49 7.88
CA ASN A 93 1.71 -20.72 7.72
C ASN A 93 1.05 -19.77 6.73
N HIS A 94 1.77 -18.75 6.28
CA HIS A 94 1.26 -17.80 5.29
C HIS A 94 2.38 -17.48 4.31
N GLU A 95 2.16 -17.82 3.03
CA GLU A 95 3.25 -17.78 2.05
C GLU A 95 3.85 -16.38 1.88
N ARG A 96 3.06 -15.32 2.04
CA ARG A 96 3.59 -13.96 1.87
C ARG A 96 4.03 -13.33 3.18
N GLY A 97 3.95 -14.03 4.30
CA GLY A 97 4.32 -13.44 5.57
C GLY A 97 5.84 -13.46 5.82
N PHE A 98 6.31 -12.42 6.49
CA PHE A 98 7.74 -12.28 6.76
C PHE A 98 7.90 -11.49 8.04
N SER A 99 8.91 -11.81 8.84
CA SER A 99 9.21 -10.94 9.97
C SER A 99 10.69 -11.01 10.32
N TYR A 100 11.13 -10.06 11.15
CA TYR A 100 12.49 -10.14 11.69
C TYR A 100 12.42 -9.73 13.14
N ILE A 101 13.42 -10.17 13.89
CA ILE A 101 13.54 -9.76 15.29
C ILE A 101 14.76 -8.84 15.38
N CYS A 102 14.65 -7.78 16.18
CA CYS A 102 15.76 -6.88 16.34
C CYS A 102 15.86 -6.47 17.79
N ARG A 103 17.04 -5.97 18.11
CA ARG A 103 17.28 -5.39 19.43
C ARG A 103 17.04 -3.89 19.36
N ASP A 104 16.10 -3.41 20.18
CA ASP A 104 15.89 -1.97 20.37
C ASP A 104 16.74 -1.57 21.56
N GLY A 105 17.89 -0.96 21.30
CA GLY A 105 18.81 -0.66 22.39
C GLY A 105 18.34 0.43 23.32
N THR A 106 17.47 1.32 22.84
CA THR A 106 17.03 2.41 23.70
C THR A 106 16.08 1.92 24.78
N THR A 107 15.24 0.93 24.48
CA THR A 107 14.35 0.40 25.51
C THR A 107 14.82 -0.94 26.05
N ARG A 108 15.93 -1.47 25.56
CA ARG A 108 16.46 -2.77 25.99
C ARG A 108 15.40 -3.87 25.83
N ARG A 109 14.83 -3.97 24.64
CA ARG A 109 13.82 -4.97 24.32
C ARG A 109 14.16 -5.66 23.02
N TRP A 110 13.69 -6.90 22.87
CA TRP A 110 13.65 -7.57 21.56
C TRP A 110 12.30 -7.28 20.94
N MET A 111 12.31 -6.87 19.65
CA MET A 111 11.06 -6.51 18.97
C MET A 111 10.95 -7.27 17.67
N CYS A 112 9.74 -7.75 17.37
CA CYS A 112 9.50 -8.46 16.13
C CYS A 112 8.71 -7.54 15.21
N HIS A 113 9.24 -7.29 14.00
CA HIS A 113 8.58 -6.45 13.01
C HIS A 113 8.00 -7.34 11.91
N GLY A 114 6.72 -7.13 11.60
CA GLY A 114 5.97 -8.04 10.75
C GLY A 114 5.55 -7.42 9.44
N PHE A 115 5.49 -8.26 8.41
CA PHE A 115 5.21 -7.80 7.05
C PHE A 115 4.33 -8.78 6.32
N LEU A 116 3.59 -8.25 5.35
CA LEU A 116 2.95 -9.06 4.33
C LEU A 116 3.53 -8.61 3.00
N ALA A 117 4.19 -9.52 2.29
CA ALA A 117 4.75 -9.17 1.00
C ALA A 117 3.64 -9.10 -0.05
N CYS A 118 3.61 -8.02 -0.83
CA CYS A 118 2.51 -7.81 -1.77
C CYS A 118 2.71 -8.59 -3.06
N LYS A 119 3.96 -8.84 -3.43
CA LYS A 119 4.24 -9.33 -4.77
C LYS A 119 5.20 -10.51 -4.75
N ASP A 120 5.59 -11.00 -3.56
CA ASP A 120 6.65 -11.99 -3.45
C ASP A 120 6.34 -12.93 -2.33
N SER A 121 7.06 -14.04 -2.29
CA SER A 121 7.01 -14.90 -1.12
C SER A 121 7.77 -14.29 0.05
N GLY A 122 7.30 -14.62 1.26
CA GLY A 122 8.08 -14.25 2.43
C GLY A 122 9.46 -14.86 2.41
N GLU A 123 9.63 -16.03 1.78
CA GLU A 123 10.96 -16.62 1.69
C GLU A 123 11.91 -15.71 0.90
N ARG A 124 11.41 -15.05 -0.15
CA ARG A 124 12.30 -14.18 -0.93
C ARG A 124 12.79 -13.02 -0.07
N LEU A 125 11.91 -12.42 0.72
CA LEU A 125 12.31 -11.34 1.60
C LEU A 125 13.33 -11.83 2.62
N SER A 126 13.09 -13.00 3.20
CA SER A 126 14.02 -13.51 4.20
C SER A 126 15.41 -13.77 3.61
N HIS A 127 15.44 -14.37 2.43
CA HIS A 127 16.74 -14.59 1.79
C HIS A 127 17.47 -13.27 1.54
N ALA A 128 16.74 -12.23 1.11
CA ALA A 128 17.40 -10.95 0.88
C ALA A 128 17.94 -10.37 2.18
N VAL A 129 17.18 -10.45 3.27
CA VAL A 129 17.69 -9.95 4.54
C VAL A 129 18.88 -10.79 5.01
N GLY A 130 18.83 -12.11 4.79
CA GLY A 130 20.01 -12.92 5.10
C GLY A 130 21.22 -12.47 4.30
N CYS A 131 21.00 -12.05 3.07
CA CYS A 131 22.10 -11.48 2.28
CA CYS A 131 22.11 -11.49 2.30
C CYS A 131 22.63 -10.20 2.94
N ALA A 132 21.72 -9.36 3.44
CA ALA A 132 22.14 -8.14 4.11
C ALA A 132 22.98 -8.46 5.34
N PHE A 133 22.63 -9.52 6.10
CA PHE A 133 23.50 -9.97 7.19
C PHE A 133 24.91 -10.22 6.68
N ALA A 134 25.02 -10.93 5.56
CA ALA A 134 26.34 -11.34 5.10
C ALA A 134 27.13 -10.12 4.62
N VAL A 135 26.44 -9.20 3.95
CA VAL A 135 27.11 -8.05 3.36
C VAL A 135 27.62 -7.14 4.46
N CYS A 136 26.79 -6.92 5.47
CA CYS A 136 27.17 -6.04 6.57
C CYS A 136 28.40 -6.57 7.28
N LEU A 137 28.41 -7.88 7.57
CA LEU A 137 29.55 -8.54 8.20
C LEU A 137 30.81 -8.46 7.34
N GLU A 138 30.65 -8.71 6.03
CA GLU A 138 31.75 -8.56 5.09
C GLU A 138 32.40 -7.19 5.21
N ARG A 139 31.59 -6.15 5.40
CA ARG A 139 32.04 -4.76 5.38
C ARG A 139 32.44 -4.30 6.79
N ASN B 7 -6.88 -47.50 8.42
CA ASN B 7 -7.79 -46.53 9.04
C ASN B 7 -8.18 -45.43 8.07
N PRO B 8 -9.42 -45.46 7.57
CA PRO B 8 -9.83 -44.44 6.58
C PRO B 8 -9.93 -43.04 7.17
N PHE B 9 -9.89 -42.89 8.48
CA PHE B 9 -9.89 -41.56 9.09
C PHE B 9 -8.50 -41.05 9.36
N GLU B 10 -7.47 -41.83 9.06
CA GLU B 10 -6.11 -41.35 9.28
C GLU B 10 -5.66 -40.48 8.10
N VAL B 11 -5.01 -39.37 8.43
CA VAL B 11 -4.38 -38.48 7.45
C VAL B 11 -2.90 -38.76 7.49
N LEU B 12 -2.32 -39.11 6.35
CA LEU B 12 -0.88 -39.37 6.28
C LEU B 12 -0.13 -38.05 6.14
N ARG B 13 0.98 -37.93 6.88
CA ARG B 13 1.85 -36.78 6.69
C ARG B 13 2.51 -36.84 5.32
N GLN B 14 2.73 -35.66 4.73
CA GLN B 14 3.19 -35.56 3.34
C GLN B 14 4.66 -35.93 3.19
N ALA B 24 15.39 -21.22 4.75
CA ALA B 24 14.92 -19.86 4.51
C ALA B 24 14.89 -18.93 5.74
N CYS B 25 15.18 -19.37 6.98
CA CYS B 25 15.40 -18.37 8.00
CA CYS B 25 15.41 -18.42 8.06
C CYS B 25 16.90 -18.21 8.26
N PHE B 26 17.25 -17.05 8.82
CA PHE B 26 18.64 -16.65 8.95
C PHE B 26 18.88 -16.02 10.32
N GLU B 27 19.99 -16.42 10.94
CA GLU B 27 20.49 -15.74 12.12
C GLU B 27 21.57 -14.79 11.64
N ASN B 28 21.73 -13.69 12.33
CA ASN B 28 22.71 -12.73 11.83
C ASN B 28 24.00 -12.94 12.58
N PRO B 29 25.06 -13.46 11.92
CA PRO B 29 26.34 -13.65 12.60
C PRO B 29 27.01 -12.33 12.98
N GLY B 30 26.57 -11.22 12.44
CA GLY B 30 27.10 -9.91 12.77
C GLY B 30 26.28 -9.14 13.78
N LEU B 31 25.32 -9.79 14.44
CA LEU B 31 24.55 -9.16 15.53
C LEU B 31 25.50 -8.53 16.53
N ASN B 32 25.28 -7.25 16.80
CA ASN B 32 26.21 -6.50 17.67
C ASN B 32 25.50 -5.49 18.52
N TRP C 7 -14.16 12.52 8.17
CA TRP C 7 -15.28 12.67 7.23
C TRP C 7 -16.36 11.62 7.49
N GLN C 8 -16.70 11.44 8.77
CA GLN C 8 -17.78 10.53 9.15
C GLN C 8 -19.09 10.95 8.50
N ALA C 9 -19.34 12.26 8.41
CA ALA C 9 -20.55 12.70 7.74
C ALA C 9 -20.60 12.20 6.30
N ASP C 10 -19.44 12.02 5.67
CA ASP C 10 -19.44 11.59 4.27
C ASP C 10 -19.85 10.15 4.10
N GLU C 11 -19.53 9.27 5.07
CA GLU C 11 -20.00 7.89 4.96
C GLU C 11 -21.54 7.83 4.92
N GLU C 12 -22.21 8.53 5.82
CA GLU C 12 -23.67 8.48 5.79
C GLU C 12 -24.19 9.09 4.48
N ALA C 13 -23.50 10.14 3.99
CA ALA C 13 -23.93 10.78 2.75
C ALA C 13 -23.80 9.82 1.57
N VAL C 14 -22.72 9.03 1.54
CA VAL C 14 -22.55 8.08 0.45
C VAL C 14 -23.65 7.03 0.51
N ARG C 15 -23.96 6.55 1.71
CA ARG C 15 -24.99 5.53 1.88
C ARG C 15 -26.36 6.06 1.47
N SER C 16 -26.64 7.33 1.78
CA SER C 16 -27.96 7.92 1.53
C SER C 16 -28.05 8.58 0.16
N ALA C 17 -26.97 8.55 -0.63
CA ALA C 17 -26.90 9.20 -1.94
C ALA C 17 -27.13 10.71 -1.81
N THR C 18 -26.42 11.35 -0.86
CA THR C 18 -26.39 12.81 -0.77
C THR C 18 -24.97 13.34 -0.80
N CYS C 19 -24.04 12.55 -1.33
CA CYS C 19 -22.61 12.91 -1.37
C CYS C 19 -22.22 13.36 -2.77
N SER C 20 -21.87 14.62 -2.90
CA SER C 20 -21.45 15.14 -4.20
C SER C 20 -20.35 16.17 -3.98
N PHE C 21 -19.44 16.24 -4.95
CA PHE C 21 -18.32 17.18 -4.87
C PHE C 21 -18.25 17.99 -6.15
N SER C 22 -18.00 19.29 -6.02
CA SER C 22 -17.79 20.10 -7.20
C SER C 22 -16.38 19.81 -7.72
N VAL C 23 -16.26 19.48 -9.01
CA VAL C 23 -15.01 19.00 -9.58
C VAL C 23 -14.79 19.64 -10.95
N LYS C 24 -13.53 19.63 -11.38
CA LYS C 24 -13.21 19.78 -12.79
C LYS C 24 -12.84 18.38 -13.24
N TYR C 25 -13.53 17.88 -14.26
CA TYR C 25 -13.24 16.54 -14.77
C TYR C 25 -12.20 16.67 -15.88
N LEU C 26 -11.07 15.98 -15.70
CA LEU C 26 -9.94 16.11 -16.61
C LEU C 26 -10.00 15.12 -17.75
N GLY C 27 -10.90 14.17 -17.72
CA GLY C 27 -10.97 13.16 -18.76
C GLY C 27 -10.38 11.86 -18.29
N CYS C 28 -10.12 10.97 -19.25
CA CYS C 28 -9.54 9.68 -18.88
C CYS C 28 -8.46 9.27 -19.86
N VAL C 29 -7.63 8.34 -19.42
CA VAL C 29 -6.53 7.83 -20.24
C VAL C 29 -6.28 6.37 -19.88
N GLU C 30 -5.95 5.57 -20.89
CA GLU C 30 -5.63 4.16 -20.65
C GLU C 30 -4.41 4.02 -19.76
N VAL C 31 -4.48 3.06 -18.81
CA VAL C 31 -3.34 2.65 -18.01
C VAL C 31 -3.18 1.14 -18.12
N PHE C 32 -2.00 0.65 -17.72
CA PHE C 32 -1.70 -0.77 -17.86
C PHE C 32 -1.56 -1.49 -16.52
N GLU C 33 -1.96 -0.87 -15.43
CA GLU C 33 -2.04 -1.54 -14.13
C GLU C 33 -3.38 -1.15 -13.53
N SER C 34 -3.93 -2.02 -12.70
CA SER C 34 -5.25 -1.74 -12.10
C SER C 34 -5.18 -0.97 -10.79
N ARG C 35 -4.00 -0.71 -10.24
CA ARG C 35 -3.91 0.03 -8.98
C ARG C 35 -2.56 0.76 -8.93
N GLY C 36 -2.45 1.73 -8.02
CA GLY C 36 -1.15 2.27 -7.67
C GLY C 36 -1.13 3.79 -7.77
N MET C 37 -0.60 4.46 -6.74
CA MET C 37 -0.62 5.92 -6.77
C MET C 37 0.31 6.49 -7.82
N GLN C 38 1.44 5.84 -8.10
CA GLN C 38 2.31 6.33 -9.15
C GLN C 38 1.65 6.16 -10.50
N VAL C 39 0.90 5.06 -10.65
CA VAL C 39 0.16 4.84 -11.89
C VAL C 39 -0.84 5.96 -12.14
N CYS C 40 -1.55 6.34 -11.08
CA CYS C 40 -2.57 7.40 -11.17
C CYS C 40 -1.91 8.74 -11.45
N GLU C 41 -0.79 9.01 -10.77
CA GLU C 41 -0.12 10.29 -10.95
C GLU C 41 0.45 10.44 -12.35
N GLU C 42 0.98 9.34 -12.91
CA GLU C 42 1.47 9.45 -14.30
C GLU C 42 0.30 9.68 -15.27
N ALA C 43 -0.85 9.04 -15.01
CA ALA C 43 -2.02 9.26 -15.85
C ALA C 43 -2.48 10.70 -15.72
N LEU C 44 -2.46 11.22 -14.50
CA LEU C 44 -2.89 12.61 -14.30
C LEU C 44 -1.98 13.56 -15.05
N LYS C 45 -0.69 13.23 -15.12
CA LYS C 45 0.23 14.07 -15.89
C LYS C 45 -0.17 14.09 -17.35
N VAL C 46 -0.58 12.95 -17.90
CA VAL C 46 -0.96 12.94 -19.30
C VAL C 46 -2.23 13.77 -19.50
N LEU C 47 -3.20 13.58 -18.59
CA LEU C 47 -4.45 14.35 -18.67
C LEU C 47 -4.18 15.84 -18.61
N ARG C 48 -3.28 16.29 -17.72
CA ARG C 48 -3.02 17.71 -17.59
C ARG C 48 -2.28 18.29 -18.79
N GLN C 49 -1.48 17.47 -19.47
CA GLN C 49 -0.73 17.94 -20.63
C GLN C 49 -1.58 17.97 -21.89
N SER C 50 -2.79 17.44 -21.84
CA SER C 50 -3.71 17.45 -22.98
C SER C 50 -4.20 18.85 -23.41
N ARG C 53 -8.96 21.03 -21.89
CA ARG C 53 -9.81 21.96 -21.15
C ARG C 53 -10.80 21.22 -20.24
N PRO C 54 -10.62 21.35 -18.93
CA PRO C 54 -11.41 20.54 -17.99
C PRO C 54 -12.84 21.02 -17.92
N VAL C 55 -13.75 20.08 -17.66
CA VAL C 55 -15.18 20.35 -17.63
C VAL C 55 -15.62 20.43 -16.18
N ARG C 56 -16.25 21.53 -15.82
CA ARG C 56 -16.70 21.67 -14.44
C ARG C 56 -18.04 20.98 -14.24
N GLY C 57 -18.17 20.29 -13.12
CA GLY C 57 -19.42 19.57 -12.86
C GLY C 57 -19.46 19.08 -11.43
N LEU C 58 -20.38 18.14 -11.20
CA LEU C 58 -20.61 17.56 -9.89
C LEU C 58 -20.34 16.08 -9.99
N LEU C 59 -19.48 15.58 -9.07
CA LEU C 59 -19.19 14.17 -8.91
C LEU C 59 -20.07 13.63 -7.78
N HIS C 60 -21.02 12.77 -8.14
CA HIS C 60 -21.92 12.15 -7.16
C HIS C 60 -21.31 10.81 -6.79
N VAL C 61 -21.21 10.51 -5.50
CA VAL C 61 -20.58 9.28 -5.04
C VAL C 61 -21.61 8.51 -4.23
N SER C 62 -21.96 7.30 -4.68
CA SER C 62 -22.91 6.49 -3.94
C SER C 62 -22.63 5.03 -4.22
N GLY C 63 -23.38 4.14 -3.54
CA GLY C 63 -23.24 2.72 -3.83
C GLY C 63 -23.67 2.35 -5.25
N ASP C 64 -24.43 3.24 -5.91
CA ASP C 64 -24.93 3.06 -7.28
C ASP C 64 -23.95 3.43 -8.37
N GLY C 65 -22.90 4.18 -8.06
CA GLY C 65 -21.91 4.56 -9.06
C GLY C 65 -21.26 5.87 -8.72
N LEU C 66 -20.29 6.24 -9.56
CA LEU C 66 -19.70 7.55 -9.58
C LEU C 66 -20.27 8.22 -10.83
N ARG C 67 -21.05 9.27 -10.63
CA ARG C 67 -21.71 9.96 -11.73
C ARG C 67 -21.16 11.36 -11.81
N VAL C 68 -20.79 11.80 -13.00
CA VAL C 68 -20.38 13.19 -13.18
C VAL C 68 -21.38 13.89 -14.07
N VAL C 69 -21.93 15.00 -13.58
CA VAL C 69 -22.91 15.78 -14.32
C VAL C 69 -22.27 17.12 -14.64
N ASP C 70 -22.25 17.49 -15.94
CA ASP C 70 -21.65 18.73 -16.41
C ASP C 70 -22.50 19.93 -15.94
N ASP C 71 -21.86 20.95 -15.31
CA ASP C 71 -22.62 22.12 -14.82
C ASP C 71 -23.36 22.81 -15.94
N GLU C 72 -22.71 22.97 -17.10
CA GLU C 72 -23.26 23.86 -18.12
C GLU C 72 -24.39 23.20 -18.89
N THR C 73 -24.25 21.91 -19.24
CA THR C 73 -25.28 21.21 -20.00
C THR C 73 -26.22 20.37 -19.15
N LYS C 74 -25.87 20.14 -17.87
CA LYS C 74 -26.58 19.29 -16.93
C LYS C 74 -26.67 17.84 -17.40
N GLY C 75 -25.77 17.44 -18.30
CA GLY C 75 -25.76 16.09 -18.82
C GLY C 75 -24.84 15.17 -18.06
N LEU C 76 -25.17 13.89 -18.09
CA LEU C 76 -24.38 12.87 -17.39
C LEU C 76 -23.21 12.47 -18.29
N ILE C 77 -22.00 12.89 -17.93
CA ILE C 77 -20.85 12.62 -18.79
C ILE C 77 -20.01 11.45 -18.30
N VAL C 78 -20.13 11.07 -17.04
CA VAL C 78 -19.49 9.86 -16.54
C VAL C 78 -20.54 9.12 -15.75
N ASP C 79 -20.66 7.80 -15.97
CA ASP C 79 -21.60 6.97 -15.22
C ASP C 79 -20.92 5.63 -14.98
N GLN C 80 -20.23 5.53 -13.84
CA GLN C 80 -19.29 4.45 -13.57
C GLN C 80 -19.85 3.54 -12.48
N THR C 81 -20.02 2.25 -12.78
CA THR C 81 -20.48 1.37 -11.71
C THR C 81 -19.36 1.13 -10.71
N ILE C 82 -19.73 0.98 -9.44
CA ILE C 82 -18.69 0.81 -8.44
C ILE C 82 -17.96 -0.50 -8.65
N GLU C 83 -18.69 -1.52 -9.08
CA GLU C 83 -18.11 -2.86 -9.21
C GLU C 83 -16.94 -2.90 -10.18
N LYS C 84 -16.85 -1.95 -11.10
CA LYS C 84 -15.74 -1.96 -12.05
C LYS C 84 -14.66 -0.95 -11.70
N VAL C 85 -14.75 -0.28 -10.56
CA VAL C 85 -13.66 0.62 -10.12
C VAL C 85 -12.69 -0.20 -9.27
N SER C 86 -11.41 -0.20 -9.64
CA SER C 86 -10.46 -1.04 -8.92
C SER C 86 -9.71 -0.32 -7.81
N PHE C 87 -9.51 0.99 -7.93
CA PHE C 87 -8.56 1.71 -7.10
C PHE C 87 -8.91 3.19 -7.19
N CYS C 88 -8.69 3.92 -6.09
CA CYS C 88 -8.78 5.38 -6.16
C CYS C 88 -7.75 5.99 -5.20
N ALA C 89 -7.32 7.23 -5.49
CA ALA C 89 -6.24 7.83 -4.72
C ALA C 89 -6.24 9.33 -4.89
N PRO C 90 -5.87 10.06 -3.85
CA PRO C 90 -5.51 11.46 -4.01
C PRO C 90 -4.15 11.57 -4.69
N ASP C 91 -3.93 12.70 -5.32
CA ASP C 91 -2.66 12.98 -5.99
C ASP C 91 -1.67 13.43 -4.93
N ARG C 92 -0.55 12.69 -4.75
CA ARG C 92 0.38 13.05 -3.68
C ARG C 92 1.07 14.37 -3.95
N ASN C 93 1.01 14.89 -5.17
CA ASN C 93 1.74 16.09 -5.53
C ASN C 93 0.86 17.32 -5.70
N HIS C 94 -0.46 17.17 -5.69
CA HIS C 94 -1.41 18.27 -5.79
C HIS C 94 -2.59 18.00 -4.86
N GLU C 95 -2.78 18.88 -3.87
CA GLU C 95 -3.74 18.65 -2.78
C GLU C 95 -5.16 18.45 -3.28
N ARG C 96 -5.55 19.09 -4.38
CA ARG C 96 -6.91 18.94 -4.89
C ARG C 96 -7.04 17.87 -5.97
N GLY C 97 -5.96 17.17 -6.31
CA GLY C 97 -6.05 16.16 -7.35
C GLY C 97 -6.59 14.83 -6.84
N PHE C 98 -7.33 14.16 -7.70
CA PHE C 98 -7.96 12.90 -7.35
C PHE C 98 -8.13 12.07 -8.62
N SER C 99 -7.99 10.75 -8.52
CA SER C 99 -8.32 9.93 -9.68
C SER C 99 -8.77 8.53 -9.25
N TYR C 100 -9.35 7.80 -10.19
CA TYR C 100 -9.65 6.40 -9.93
C TYR C 100 -9.33 5.62 -11.18
N ILE C 101 -9.08 4.34 -11.00
CA ILE C 101 -8.87 3.42 -12.12
C ILE C 101 -10.08 2.52 -12.20
N CYS C 102 -10.54 2.25 -13.42
CA CYS C 102 -11.67 1.35 -13.60
C CYS C 102 -11.41 0.42 -14.78
N ARG C 103 -12.18 -0.67 -14.78
CA ARG C 103 -12.18 -1.60 -15.90
C ARG C 103 -13.28 -1.19 -16.88
N ASP C 104 -12.90 -0.88 -18.11
CA ASP C 104 -13.87 -0.66 -19.19
C ASP C 104 -14.04 -2.00 -19.88
N GLY C 105 -15.14 -2.68 -19.57
CA GLY C 105 -15.33 -4.02 -20.10
C GLY C 105 -15.57 -4.07 -21.59
N THR C 106 -16.07 -3.00 -22.18
CA THR C 106 -16.38 -3.05 -23.61
C THR C 106 -15.11 -3.02 -24.45
N THR C 107 -14.09 -2.27 -24.03
CA THR C 107 -12.84 -2.27 -24.76
C THR C 107 -11.77 -3.14 -24.13
N ARG C 108 -12.06 -3.78 -23.00
CA ARG C 108 -11.07 -4.59 -22.28
C ARG C 108 -9.80 -3.79 -21.96
N ARG C 109 -9.99 -2.63 -21.34
CA ARG C 109 -8.89 -1.74 -20.94
C ARG C 109 -9.05 -1.30 -19.50
N TRP C 110 -7.92 -0.97 -18.86
CA TRP C 110 -7.95 -0.22 -17.59
C TRP C 110 -7.86 1.27 -17.93
N MET C 111 -8.73 2.09 -17.32
CA MET C 111 -8.78 3.52 -17.62
C MET C 111 -8.66 4.32 -16.33
N CYS C 112 -7.86 5.39 -16.35
CA CYS C 112 -7.74 6.25 -15.20
C CYS C 112 -8.51 7.54 -15.48
N HIS C 113 -9.47 7.87 -14.60
CA HIS C 113 -10.25 9.09 -14.72
C HIS C 113 -9.77 10.12 -13.71
N GLY C 114 -9.49 11.35 -14.17
CA GLY C 114 -8.80 12.33 -13.35
C GLY C 114 -9.67 13.54 -13.05
N PHE C 115 -9.45 14.11 -11.87
CA PHE C 115 -10.27 15.22 -11.38
C PHE C 115 -9.42 16.24 -10.67
N LEU C 116 -9.93 17.47 -10.64
CA LEU C 116 -9.42 18.48 -9.74
C LEU C 116 -10.59 18.88 -8.85
N ALA C 117 -10.48 18.66 -7.54
CA ALA C 117 -11.59 19.05 -6.66
C ALA C 117 -11.60 20.57 -6.48
N CYS C 118 -12.79 21.17 -6.63
CA CYS C 118 -12.87 22.62 -6.61
C CYS C 118 -12.93 23.17 -5.19
N LYS C 119 -13.44 22.38 -4.26
CA LYS C 119 -13.75 22.91 -2.94
C LYS C 119 -13.25 22.03 -1.83
N ASP C 120 -12.53 20.96 -2.14
CA ASP C 120 -12.16 19.96 -1.15
C ASP C 120 -10.78 19.42 -1.49
N SER C 121 -10.21 18.70 -0.54
CA SER C 121 -9.01 17.94 -0.84
C SER C 121 -9.31 16.69 -1.66
N GLY C 122 -8.31 16.29 -2.45
CA GLY C 122 -8.43 15.02 -3.13
C GLY C 122 -8.57 13.87 -2.15
N GLU C 123 -7.97 13.99 -0.96
CA GLU C 123 -8.15 12.92 0.03
C GLU C 123 -9.62 12.76 0.43
N ARG C 124 -10.37 13.86 0.54
CA ARG C 124 -11.78 13.71 0.93
C ARG C 124 -12.57 12.93 -0.13
N LEU C 125 -12.32 13.23 -1.40
CA LEU C 125 -12.97 12.49 -2.49
C LEU C 125 -12.59 11.02 -2.44
N SER C 126 -11.29 10.73 -2.22
CA SER C 126 -10.87 9.34 -2.19
C SER C 126 -11.52 8.58 -1.05
N HIS C 127 -11.59 9.18 0.14
CA HIS C 127 -12.27 8.56 1.27
C HIS C 127 -13.74 8.26 0.93
N ALA C 128 -14.41 9.20 0.25
CA ALA C 128 -15.81 8.97 -0.09
C ALA C 128 -15.96 7.82 -1.10
N VAL C 129 -15.08 7.75 -2.10
CA VAL C 129 -15.17 6.62 -3.03
C VAL C 129 -14.83 5.33 -2.32
N GLY C 130 -13.87 5.36 -1.38
CA GLY C 130 -13.63 4.16 -0.58
C GLY C 130 -14.86 3.72 0.18
N CYS C 131 -15.62 4.69 0.68
CA CYS C 131 -16.87 4.36 1.33
CA CYS C 131 -16.88 4.37 1.32
C CYS C 131 -17.83 3.69 0.34
N ALA C 132 -17.90 4.21 -0.89
CA ALA C 132 -18.76 3.59 -1.89
C ALA C 132 -18.34 2.14 -2.16
N PHE C 133 -17.03 1.85 -2.17
CA PHE C 133 -16.59 0.48 -2.27
C PHE C 133 -17.21 -0.35 -1.17
N ALA C 134 -17.17 0.14 0.06
CA ALA C 134 -17.64 -0.69 1.17
C ALA C 134 -19.15 -0.87 1.09
N VAL C 135 -19.85 0.19 0.70
CA VAL C 135 -21.31 0.17 0.69
C VAL C 135 -21.82 -0.78 -0.38
N CYS C 136 -21.22 -0.71 -1.57
CA CYS C 136 -21.63 -1.57 -2.67
C CYS C 136 -21.45 -3.04 -2.33
N LEU C 137 -20.28 -3.40 -1.78
CA LEU C 137 -20.03 -4.77 -1.35
C LEU C 137 -20.97 -5.21 -0.23
N GLU C 138 -21.24 -4.30 0.72
CA GLU C 138 -22.23 -4.55 1.75
C GLU C 138 -23.56 -5.02 1.16
N ARG C 139 -23.96 -4.42 0.05
CA ARG C 139 -25.30 -4.64 -0.51
C ARG C 139 -25.33 -5.82 -1.49
N ASN D 7 26.91 19.43 6.56
CA ASN D 7 26.84 19.89 5.17
C ASN D 7 25.75 20.95 4.98
N PRO D 8 26.14 22.21 4.78
CA PRO D 8 25.11 23.26 4.63
C PRO D 8 24.27 23.13 3.36
N PHE D 9 24.69 22.30 2.40
CA PHE D 9 23.88 22.08 1.21
C PHE D 9 22.98 20.86 1.33
N GLU D 10 23.03 20.14 2.44
CA GLU D 10 22.13 19.01 2.58
C GLU D 10 20.74 19.44 3.05
N VAL D 11 19.71 18.87 2.42
CA VAL D 11 18.32 19.05 2.83
C VAL D 11 17.88 17.81 3.60
N LEU D 12 17.41 18.02 4.83
CA LEU D 12 16.94 16.90 5.64
C LEU D 12 15.51 16.56 5.25
N ARG D 13 15.22 15.26 5.17
CA ARG D 13 13.85 14.83 4.96
C ARG D 13 13.02 15.14 6.21
N GLN D 14 11.76 15.52 6.01
CA GLN D 14 10.93 16.02 7.09
C GLN D 14 10.45 14.91 8.02
N ALA D 24 -5.25 7.08 2.63
CA ALA D 24 -6.27 7.68 1.81
C ALA D 24 -6.37 7.11 0.39
N CYS D 25 -5.61 6.09 0.01
CA CYS D 25 -5.95 5.42 -1.25
C CYS D 25 -6.63 4.09 -0.92
N PHE D 26 -7.48 3.63 -1.84
CA PHE D 26 -8.36 2.50 -1.56
C PHE D 26 -8.40 1.52 -2.72
N GLU D 27 -8.31 0.23 -2.41
CA GLU D 27 -8.59 -0.81 -3.38
C GLU D 27 -10.03 -1.27 -3.19
N ASN D 28 -10.68 -1.70 -4.24
CA ASN D 28 -12.07 -2.05 -4.08
C ASN D 28 -12.16 -3.54 -3.88
N PRO D 29 -12.49 -4.03 -2.67
CA PRO D 29 -12.61 -5.47 -2.48
C PRO D 29 -13.76 -6.08 -3.23
N GLY D 30 -14.69 -5.28 -3.72
CA GLY D 30 -15.81 -5.76 -4.49
C GLY D 30 -15.61 -5.66 -5.98
N LEU D 31 -14.39 -5.37 -6.45
CA LEU D 31 -14.09 -5.37 -7.88
C LEU D 31 -14.57 -6.66 -8.50
N ASN D 32 -15.43 -6.53 -9.49
CA ASN D 32 -16.06 -7.71 -10.10
C ASN D 32 -16.28 -7.46 -11.58
C1 GOL E . 21.52 7.62 7.50
O1 GOL E . 21.64 6.50 6.68
C2 GOL E . 20.27 7.51 8.33
O2 GOL E . 19.07 7.54 7.54
C3 GOL E . 20.39 6.25 9.18
O3 GOL E . 19.86 5.15 8.49
C1 GOL F . -27.24 3.35 -14.50
O1 GOL F . -26.32 4.19 -13.85
C2 GOL F . -28.40 4.20 -14.97
O2 GOL F . -28.10 5.61 -14.96
C3 GOL F . -29.51 3.89 -14.02
O3 GOL F . -29.02 4.05 -12.72
#